data_3FG7
#
_entry.id   3FG7
#
_cell.length_a   47.820
_cell.length_b   47.820
_cell.length_c   98.173
_cell.angle_alpha   90.00
_cell.angle_beta   90.00
_cell.angle_gamma   120.00
#
_symmetry.space_group_name_H-M   'P 31'
#
loop_
_entity.id
_entity.type
_entity.pdbx_description
1 polymer Villin-1
2 water water
#
_entity_poly.entity_id   1
_entity_poly.type   'polypeptide(L)'
_entity_poly.pdbx_seq_one_letter_code
;MAEEHHHHHHHHLEVLFQGPGRPKTHTVGSVAKVEQVKFDATSMHVKPQVAAQQKMVDDGSGEVQVWRIENLELVPVDSK
WLGHFYGGDCYLLLYTYLIGEKQHYLLYVWQGSQASQDEITASAYQAVILDQKYNGEPVQIRVPMGKEPPHLMSIFKGRM
VVYQGGTSRTNNLETGPSTRLFQVQGTGANNTKAFEVPARANFLNSNDVFVLKTQSCCYLWCGKGCSGDEREMAKMVADT
ISRTEKQVVVEGQEPANFWMALGGKAPYANTKRLQEENLVITPRLFECSNKTGRFLATEIPDFNQDDLEEDDVFLLDVWD
QVFFWIGKHANEEEKKAAATTAQEYLKTHPSGRDPETPIIVVKQGHEPPTFTGWFLAWDPFKWSGIHVVPNLSPLSNN
;
_entity_poly.pdbx_strand_id   A,B
#
# COMPACT_ATOMS: atom_id res chain seq x y z
N ASN A 278 4.87 -6.77 25.40
CA ASN A 278 5.63 -5.61 24.81
C ASN A 278 5.55 -5.52 23.28
N LEU A 279 4.68 -6.31 22.67
CA LEU A 279 4.56 -6.28 21.21
C LEU A 279 3.87 -5.01 20.72
N VAL A 280 4.48 -4.33 19.77
CA VAL A 280 3.86 -3.17 19.16
C VAL A 280 3.61 -3.48 17.68
N ILE A 281 2.32 -3.51 17.34
CA ILE A 281 1.88 -4.05 16.06
C ILE A 281 1.17 -2.97 15.29
N THR A 282 1.73 -2.55 14.16
CA THR A 282 0.99 -1.82 13.16
C THR A 282 0.46 -2.88 12.16
N PRO A 283 -0.87 -3.00 12.08
CA PRO A 283 -1.50 -4.01 11.19
C PRO A 283 -1.17 -3.71 9.74
N ARG A 284 -1.14 -4.74 8.90
CA ARG A 284 -0.92 -4.59 7.47
C ARG A 284 -2.16 -5.09 6.72
N LEU A 285 -2.64 -4.28 5.77
CA LEU A 285 -3.79 -4.65 4.96
C LEU A 285 -3.35 -4.96 3.55
N PHE A 286 -3.73 -6.11 3.04
CA PHE A 286 -3.47 -6.47 1.65
C PHE A 286 -4.76 -6.64 0.87
N GLU A 287 -4.81 -6.09 -0.32
CA GLU A 287 -5.92 -6.34 -1.23
C GLU A 287 -5.50 -7.45 -2.18
N CYS A 288 -6.38 -8.42 -2.35
CA CYS A 288 -6.18 -9.53 -3.24
C CYS A 288 -7.21 -9.39 -4.36
N SER A 289 -6.76 -9.09 -5.56
CA SER A 289 -7.69 -8.90 -6.69
C SER A 289 -7.27 -9.56 -8.00
N ASN A 290 -8.25 -10.11 -8.70
CA ASN A 290 -8.05 -10.70 -10.03
C ASN A 290 -8.73 -9.91 -11.17
N LYS A 291 -9.42 -8.82 -10.80
CA LYS A 291 -10.08 -7.93 -11.76
C LYS A 291 -9.10 -7.38 -12.82
N THR A 292 -7.88 -7.09 -12.37
CA THR A 292 -6.80 -6.55 -13.21
C THR A 292 -6.41 -7.49 -14.39
N GLY A 293 -6.67 -8.79 -14.23
CA GLY A 293 -6.29 -9.79 -15.21
C GLY A 293 -5.57 -10.93 -14.52
N ARG A 294 -4.36 -10.64 -14.03
CA ARG A 294 -3.62 -11.57 -13.18
C ARG A 294 -4.01 -11.39 -11.72
N PHE A 295 -3.40 -12.18 -10.83
CA PHE A 295 -3.70 -12.07 -9.40
C PHE A 295 -2.52 -11.59 -8.55
N LEU A 296 -2.72 -10.44 -7.90
CA LEU A 296 -1.73 -9.87 -6.97
C LEU A 296 -2.34 -9.59 -5.60
N ALA A 297 -1.53 -9.75 -4.56
CA ALA A 297 -1.81 -9.18 -3.26
C ALA A 297 -0.95 -7.91 -3.10
N THR A 298 -1.62 -6.78 -2.92
CA THR A 298 -0.90 -5.51 -2.78
C THR A 298 -1.09 -5.02 -1.37
N GLU A 299 0.00 -4.73 -0.64
CA GLU A 299 -0.12 -4.06 0.63
C GLU A 299 -0.63 -2.61 0.46
N ILE A 300 -1.58 -2.21 1.31
CA ILE A 300 -2.24 -0.91 1.17
C ILE A 300 -1.69 0.04 2.24
N PRO A 301 -0.87 1.02 1.82
CA PRO A 301 -0.31 1.98 2.77
C PRO A 301 -1.38 2.84 3.44
N ASP A 302 -1.09 3.24 4.68
CA ASP A 302 -2.01 3.92 5.60
C ASP A 302 -3.49 3.65 5.31
N PHE A 303 -3.83 2.38 5.54
CA PHE A 303 -5.12 1.88 5.12
C PHE A 303 -6.23 2.45 5.99
N ASN A 304 -7.42 2.46 5.42
CA ASN A 304 -8.60 2.86 6.16
C ASN A 304 -9.78 2.06 5.62
N GLN A 305 -10.96 2.28 6.19
CA GLN A 305 -12.11 1.48 5.86
C GLN A 305 -12.50 1.68 4.40
N ASP A 306 -12.25 2.86 3.84
CA ASP A 306 -12.64 3.15 2.45
C ASP A 306 -11.78 2.42 1.42
N ASP A 307 -10.68 1.81 1.86
CA ASP A 307 -9.86 0.92 1.01
C ASP A 307 -10.49 -0.45 0.75
N LEU A 308 -11.35 -0.88 1.67
CA LEU A 308 -12.11 -2.11 1.54
C LEU A 308 -13.19 -1.95 0.49
N GLU A 309 -13.42 -3.00 -0.28
CA GLU A 309 -14.37 -2.89 -1.38
C GLU A 309 -15.04 -4.23 -1.62
N GLU A 310 -16.31 -4.18 -2.03
CA GLU A 310 -17.17 -5.39 -2.13
C GLU A 310 -16.68 -6.45 -3.07
N ASP A 311 -15.91 -6.05 -4.06
CA ASP A 311 -15.49 -6.94 -5.14
C ASP A 311 -14.32 -7.86 -4.81
N ASP A 312 -13.61 -7.62 -3.71
CA ASP A 312 -12.30 -8.25 -3.48
C ASP A 312 -12.20 -8.94 -2.13
N VAL A 313 -11.11 -9.67 -1.90
CA VAL A 313 -10.84 -10.22 -0.59
C VAL A 313 -9.64 -9.44 -0.08
N PHE A 314 -9.63 -9.19 1.23
CA PHE A 314 -8.55 -8.47 1.90
C PHE A 314 -7.99 -9.30 3.05
N LEU A 315 -6.69 -9.20 3.24
CA LEU A 315 -6.04 -9.81 4.37
C LEU A 315 -5.61 -8.75 5.33
N LEU A 316 -6.03 -8.84 6.59
CA LEU A 316 -5.56 -7.91 7.62
C LEU A 316 -4.69 -8.70 8.61
N ASP A 317 -3.38 -8.49 8.50
CA ASP A 317 -2.36 -9.21 9.28
C ASP A 317 -2.07 -8.37 10.51
N VAL A 318 -2.38 -8.98 11.64
CA VAL A 318 -2.40 -8.39 12.96
C VAL A 318 -1.37 -9.16 13.84
N TRP A 319 -0.46 -9.82 13.14
CA TRP A 319 0.62 -10.66 13.71
C TRP A 319 0.14 -11.99 14.31
N ASP A 320 -0.64 -11.96 15.38
CA ASP A 320 -1.10 -13.22 15.99
C ASP A 320 -2.24 -13.90 15.25
N GLN A 321 -2.81 -13.21 14.27
CA GLN A 321 -3.75 -13.83 13.37
C GLN A 321 -3.85 -12.97 12.14
N VAL A 322 -4.44 -13.56 11.10
CA VAL A 322 -4.72 -12.88 9.84
C VAL A 322 -6.23 -12.98 9.62
N PHE A 323 -6.86 -11.82 9.49
CA PHE A 323 -8.25 -11.78 9.12
C PHE A 323 -8.37 -11.90 7.63
N PHE A 324 -9.30 -12.74 7.19
CA PHE A 324 -9.53 -12.98 5.77
C PHE A 324 -10.91 -12.36 5.49
N TRP A 325 -10.91 -11.13 4.93
CA TRP A 325 -12.16 -10.35 4.83
C TRP A 325 -12.72 -10.56 3.46
N ILE A 326 -13.99 -10.98 3.38
CA ILE A 326 -14.57 -11.36 2.08
C ILE A 326 -15.65 -10.35 1.69
N GLY A 327 -15.44 -9.66 0.59
CA GLY A 327 -16.40 -8.67 0.12
C GLY A 327 -17.63 -9.40 -0.41
N LYS A 328 -18.78 -8.73 -0.32
CA LYS A 328 -20.11 -9.21 -0.76
C LYS A 328 -20.13 -9.82 -2.15
N HIS A 329 -19.33 -9.26 -3.04
CA HIS A 329 -19.33 -9.63 -4.45
C HIS A 329 -18.01 -10.22 -4.92
N ALA A 330 -17.19 -10.70 -3.97
CA ALA A 330 -15.98 -11.41 -4.34
C ALA A 330 -16.39 -12.72 -5.03
N ASN A 331 -15.74 -13.07 -6.13
CA ASN A 331 -16.00 -14.35 -6.80
C ASN A 331 -15.19 -15.50 -6.18
N GLU A 332 -15.60 -16.75 -6.46
CA GLU A 332 -14.91 -17.92 -5.87
C GLU A 332 -13.44 -17.97 -6.31
N GLU A 333 -13.17 -17.53 -7.54
CA GLU A 333 -11.83 -17.58 -8.12
C GLU A 333 -10.85 -16.69 -7.33
N GLU A 334 -11.34 -15.52 -6.91
CA GLU A 334 -10.54 -14.55 -6.19
C GLU A 334 -10.31 -14.96 -4.76
N LYS A 335 -11.34 -15.55 -4.18
CA LYS A 335 -11.28 -16.04 -2.81
C LYS A 335 -10.22 -17.12 -2.69
N LYS A 336 -10.26 -18.06 -3.63
CA LYS A 336 -9.30 -19.16 -3.64
C LYS A 336 -7.88 -18.65 -3.88
N ALA A 337 -7.74 -17.74 -4.83
CA ALA A 337 -6.46 -17.09 -5.08
C ALA A 337 -5.94 -16.42 -3.80
N ALA A 338 -6.82 -15.72 -3.08
CA ALA A 338 -6.43 -15.04 -1.82
C ALA A 338 -6.05 -16.01 -0.74
N ALA A 339 -6.70 -17.17 -0.74
CA ALA A 339 -6.42 -18.20 0.26
C ALA A 339 -5.00 -18.72 0.07
N THR A 340 -4.63 -18.92 -1.19
CA THR A 340 -3.28 -19.35 -1.54
C THR A 340 -2.27 -18.28 -1.18
N THR A 341 -2.56 -17.03 -1.54
CA THR A 341 -1.61 -15.96 -1.17
C THR A 341 -1.45 -15.89 0.34
N ALA A 342 -2.53 -16.05 1.09
CA ALA A 342 -2.47 -16.01 2.55
C ALA A 342 -1.61 -17.12 3.12
N GLN A 343 -1.76 -18.32 2.58
CA GLN A 343 -0.97 -19.47 3.01
C GLN A 343 0.49 -19.39 2.53
N GLU A 344 0.71 -18.93 1.31
CA GLU A 344 2.06 -18.57 0.79
C GLU A 344 2.72 -17.41 1.55
N TYR A 345 1.98 -16.30 1.68
CA TYR A 345 2.37 -15.10 2.42
C TYR A 345 2.93 -15.41 3.81
N LEU A 346 2.18 -16.18 4.61
CA LEU A 346 2.58 -16.66 5.95
C LEU A 346 3.93 -17.40 6.03
N LYS A 347 4.40 -17.91 4.89
CA LYS A 347 5.74 -18.50 4.79
C LYS A 347 6.77 -17.39 4.56
N THR A 348 6.72 -16.77 3.38
CA THR A 348 7.72 -15.73 3.01
C THR A 348 7.89 -14.56 4.01
N HIS A 349 6.83 -13.76 4.23
CA HIS A 349 6.93 -12.55 5.09
C HIS A 349 6.04 -12.49 6.35
N PRO A 350 6.66 -12.35 7.54
CA PRO A 350 8.09 -12.48 7.82
C PRO A 350 8.50 -13.90 8.20
N SER A 351 9.74 -14.28 7.89
CA SER A 351 10.29 -15.56 8.33
C SER A 351 10.53 -15.57 9.85
N GLY A 352 10.42 -16.74 10.47
CA GLY A 352 10.50 -16.87 11.92
C GLY A 352 9.16 -16.62 12.57
N ARG A 353 8.11 -17.01 11.85
CA ARG A 353 6.76 -16.72 12.28
C ARG A 353 5.98 -17.98 12.61
N ASP A 354 5.48 -18.03 13.84
CA ASP A 354 4.56 -19.06 14.33
C ASP A 354 3.71 -19.71 13.21
N PRO A 355 3.96 -21.00 12.89
CA PRO A 355 3.23 -21.72 11.84
C PRO A 355 1.74 -21.96 12.14
N GLU A 356 1.38 -21.93 13.42
CA GLU A 356 -0.03 -22.01 13.85
C GLU A 356 -0.72 -20.64 14.00
N THR A 357 -0.36 -19.69 13.12
CA THR A 357 -1.05 -18.40 13.05
C THR A 357 -2.40 -18.61 12.35
N PRO A 358 -3.52 -18.47 13.09
CA PRO A 358 -4.84 -18.70 12.50
C PRO A 358 -5.26 -17.64 11.47
N ILE A 359 -6.02 -18.11 10.47
CA ILE A 359 -6.68 -17.25 9.51
C ILE A 359 -8.15 -17.21 9.90
N ILE A 360 -8.65 -16.00 10.14
CA ILE A 360 -10.02 -15.81 10.65
C ILE A 360 -10.87 -15.17 9.58
N VAL A 361 -11.90 -15.90 9.16
CA VAL A 361 -12.83 -15.46 8.14
C VAL A 361 -13.75 -14.34 8.66
N VAL A 362 -13.82 -13.28 7.89
CA VAL A 362 -14.66 -12.15 8.25
C VAL A 362 -15.46 -11.85 7.00
N LYS A 363 -16.78 -11.77 7.14
CA LYS A 363 -17.58 -11.40 5.96
C LYS A 363 -17.97 -9.94 6.04
N GLN A 364 -17.97 -9.27 4.90
CA GLN A 364 -18.32 -7.89 4.85
C GLN A 364 -19.66 -7.63 5.53
N GLY A 365 -19.68 -6.63 6.41
CA GLY A 365 -20.90 -6.18 7.06
C GLY A 365 -21.17 -6.98 8.30
N HIS A 366 -20.34 -7.97 8.58
CA HIS A 366 -20.46 -8.80 9.77
C HIS A 366 -19.15 -8.79 10.55
N GLU A 367 -18.40 -7.69 10.46
CA GLU A 367 -17.04 -7.64 11.03
C GLU A 367 -17.11 -7.59 12.55
N PRO A 368 -16.35 -8.45 13.24
CA PRO A 368 -16.29 -8.37 14.69
C PRO A 368 -15.42 -7.21 15.13
N PRO A 369 -15.62 -6.74 16.37
CA PRO A 369 -14.80 -5.69 17.01
C PRO A 369 -13.29 -5.97 17.05
N THR A 370 -12.88 -7.24 17.14
CA THR A 370 -11.43 -7.58 17.07
C THR A 370 -10.84 -7.17 15.71
N PHE A 371 -11.69 -7.13 14.66
CA PHE A 371 -11.33 -6.63 13.31
C PHE A 371 -11.40 -5.11 13.19
N THR A 372 -12.56 -4.54 13.48
CA THR A 372 -12.77 -3.11 13.24
C THR A 372 -11.87 -2.28 14.14
N GLY A 373 -11.51 -2.82 15.30
CA GLY A 373 -10.66 -2.16 16.29
C GLY A 373 -9.31 -1.74 15.73
N TRP A 374 -8.89 -2.36 14.64
CA TRP A 374 -7.59 -2.04 14.02
C TRP A 374 -7.62 -0.87 13.08
N PHE A 375 -8.81 -0.37 12.76
CA PHE A 375 -8.97 0.78 11.91
C PHE A 375 -9.04 2.07 12.76
N LEU A 376 -8.40 3.14 12.30
CA LEU A 376 -8.48 4.45 12.99
C LEU A 376 -9.94 4.87 13.19
N ALA A 377 -10.73 4.75 12.11
CA ALA A 377 -12.18 5.06 12.12
C ALA A 377 -12.96 3.95 11.44
N TRP A 378 -14.08 3.57 12.04
CA TRP A 378 -15.01 2.61 11.41
C TRP A 378 -16.42 3.20 11.33
N ASP A 379 -16.94 3.33 10.12
CA ASP A 379 -18.35 3.69 9.93
C ASP A 379 -19.23 2.43 9.73
N PRO A 380 -20.05 2.11 10.76
CA PRO A 380 -20.87 0.93 10.72
C PRO A 380 -22.01 0.99 9.69
N PHE A 381 -22.29 2.17 9.13
CA PHE A 381 -23.29 2.34 8.05
C PHE A 381 -22.69 2.40 6.64
N LYS A 382 -21.40 2.11 6.52
CA LYS A 382 -20.81 2.05 5.20
C LYS A 382 -21.42 0.83 4.49
N TRP A 383 -21.71 0.97 3.22
CA TRP A 383 -22.26 -0.13 2.39
C TRP A 383 -23.74 -0.37 2.70
N ASN B 278 30.29 4.36 -0.66
CA ASN B 278 30.61 4.94 -2.00
C ASN B 278 29.40 5.06 -2.95
N LEU B 279 28.20 4.88 -2.41
CA LEU B 279 27.01 4.95 -3.26
C LEU B 279 26.68 6.39 -3.61
N VAL B 280 26.51 6.65 -4.89
CA VAL B 280 26.08 7.98 -5.34
C VAL B 280 24.69 7.86 -5.96
N ILE B 281 23.74 8.52 -5.32
CA ILE B 281 22.33 8.30 -5.61
C ILE B 281 21.71 9.60 -6.05
N THR B 282 21.24 9.65 -7.30
CA THR B 282 20.32 10.67 -7.74
C THR B 282 18.91 10.07 -7.57
N PRO B 283 18.11 10.67 -6.67
CA PRO B 283 16.75 10.14 -6.42
C PRO B 283 15.89 10.24 -7.69
N ARG B 284 14.91 9.35 -7.81
CA ARG B 284 13.96 9.38 -8.90
C ARG B 284 12.56 9.62 -8.34
N LEU B 285 11.83 10.56 -8.95
CA LEU B 285 10.47 10.85 -8.54
C LEU B 285 9.50 10.35 -9.60
N PHE B 286 8.50 9.60 -9.17
CA PHE B 286 7.43 9.18 -10.06
C PHE B 286 6.10 9.71 -9.62
N GLU B 287 5.32 10.20 -10.57
CA GLU B 287 3.95 10.59 -10.30
C GLU B 287 3.04 9.43 -10.70
N CYS B 288 2.12 9.07 -9.81
CA CYS B 288 1.15 8.03 -10.07
C CYS B 288 -0.22 8.70 -10.14
N SER B 289 -0.83 8.71 -11.32
CA SER B 289 -2.14 9.38 -11.47
C SER B 289 -3.15 8.62 -12.33
N ASN B 290 -4.40 8.59 -11.85
CA ASN B 290 -5.52 8.01 -12.61
C ASN B 290 -6.45 9.07 -13.21
N LYS B 291 -6.06 10.34 -13.03
CA LYS B 291 -6.84 11.50 -13.49
C LYS B 291 -7.03 11.55 -15.01
N THR B 292 -6.03 11.08 -15.76
CA THR B 292 -6.05 11.15 -17.23
C THR B 292 -7.05 10.17 -17.87
N GLY B 293 -7.50 9.19 -17.07
CA GLY B 293 -8.37 8.12 -17.54
C GLY B 293 -7.85 6.77 -17.06
N ARG B 294 -6.67 6.40 -17.56
CA ARG B 294 -5.96 5.20 -17.11
C ARG B 294 -4.98 5.54 -15.99
N PHE B 295 -4.33 4.52 -15.44
CA PHE B 295 -3.30 4.73 -14.42
C PHE B 295 -1.87 4.51 -14.93
N LEU B 296 -1.05 5.55 -14.80
CA LEU B 296 0.38 5.47 -15.13
C LEU B 296 1.27 5.99 -14.01
N ALA B 297 2.45 5.41 -13.87
CA ALA B 297 3.54 6.02 -13.12
C ALA B 297 4.53 6.64 -14.12
N THR B 298 4.72 7.96 -14.03
CA THR B 298 5.63 8.66 -14.94
C THR B 298 6.82 9.17 -14.12
N GLU B 299 8.05 8.84 -14.53
CA GLU B 299 9.21 9.44 -13.91
C GLU B 299 9.29 10.94 -14.26
N ILE B 300 9.59 11.77 -13.27
CA ILE B 300 9.57 13.23 -13.45
C ILE B 300 11.00 13.72 -13.53
N PRO B 301 11.44 14.14 -14.74
CA PRO B 301 12.81 14.64 -14.92
C PRO B 301 13.06 15.91 -14.13
N ASP B 302 14.31 16.11 -13.72
CA ASP B 302 14.77 17.16 -12.81
C ASP B 302 13.68 17.72 -11.89
N PHE B 303 13.24 16.83 -11.02
CA PHE B 303 12.06 17.09 -10.22
C PHE B 303 12.36 18.15 -9.17
N ASN B 304 11.29 18.77 -8.70
CA ASN B 304 11.40 19.74 -7.63
C ASN B 304 10.09 19.70 -6.85
N GLN B 305 9.98 20.54 -5.83
CA GLN B 305 8.85 20.45 -4.93
C GLN B 305 7.56 20.84 -5.64
N ASP B 306 7.65 21.71 -6.65
CA ASP B 306 6.46 22.18 -7.38
C ASP B 306 5.86 21.09 -8.29
N ASP B 307 6.58 19.99 -8.48
CA ASP B 307 6.06 18.82 -9.22
C ASP B 307 5.06 17.98 -8.40
N LEU B 308 5.20 18.07 -7.07
CA LEU B 308 4.26 17.46 -6.14
C LEU B 308 2.93 18.16 -6.15
N GLU B 309 1.85 17.38 -6.07
CA GLU B 309 0.53 17.98 -6.16
C GLU B 309 -0.46 17.19 -5.31
N GLU B 310 -1.44 17.90 -4.74
CA GLU B 310 -2.37 17.35 -3.74
C GLU B 310 -3.21 16.20 -4.21
N ASP B 311 -3.44 16.13 -5.50
CA ASP B 311 -4.37 15.18 -6.09
C ASP B 311 -3.80 13.76 -6.27
N ASP B 312 -2.49 13.60 -6.15
CA ASP B 312 -1.82 12.38 -6.63
C ASP B 312 -0.94 11.73 -5.57
N VAL B 313 -0.42 10.55 -5.86
CA VAL B 313 0.57 9.90 -5.02
C VAL B 313 1.85 9.91 -5.82
N PHE B 314 2.96 10.08 -5.11
CA PHE B 314 4.30 10.13 -5.70
C PHE B 314 5.20 9.12 -5.01
N LEU B 315 6.08 8.53 -5.81
CA LEU B 315 7.10 7.66 -5.28
C LEU B 315 8.43 8.33 -5.41
N LEU B 316 9.17 8.44 -4.31
CA LEU B 316 10.52 8.99 -4.34
C LEU B 316 11.48 7.86 -3.99
N ASP B 317 12.13 7.34 -5.03
CA ASP B 317 13.04 6.20 -4.94
C ASP B 317 14.43 6.74 -4.68
N VAL B 318 14.95 6.35 -3.53
CA VAL B 318 16.17 6.85 -2.94
C VAL B 318 17.15 5.67 -2.75
N TRP B 319 16.88 4.63 -3.53
CA TRP B 319 17.61 3.35 -3.52
C TRP B 319 17.37 2.45 -2.29
N ASP B 320 17.82 2.88 -1.11
CA ASP B 320 17.61 2.05 0.10
C ASP B 320 16.22 2.09 0.67
N GLN B 321 15.37 2.98 0.14
CA GLN B 321 13.97 2.95 0.47
C GLN B 321 13.24 3.74 -0.57
N VAL B 322 11.92 3.60 -0.56
CA VAL B 322 11.04 4.31 -1.46
C VAL B 322 10.02 5.03 -0.57
N PHE B 323 9.99 6.35 -0.67
CA PHE B 323 8.96 7.12 -0.01
C PHE B 323 7.70 7.08 -0.83
N PHE B 324 6.58 6.90 -0.15
CA PHE B 324 5.26 6.83 -0.79
C PHE B 324 4.53 8.09 -0.31
N TRP B 325 4.52 9.13 -1.14
CA TRP B 325 4.05 10.45 -0.70
C TRP B 325 2.60 10.56 -1.09
N ILE B 326 1.74 10.85 -0.13
CA ILE B 326 0.30 10.86 -0.38
C ILE B 326 -0.24 12.30 -0.33
N GLY B 327 -0.75 12.80 -1.45
CA GLY B 327 -1.30 14.15 -1.48
C GLY B 327 -2.61 14.18 -0.70
N LYS B 328 -2.92 15.36 -0.13
CA LYS B 328 -4.14 15.66 0.65
C LYS B 328 -5.42 15.16 0.04
N HIS B 329 -5.50 15.21 -1.27
CA HIS B 329 -6.72 14.92 -2.01
C HIS B 329 -6.61 13.72 -2.94
N ALA B 330 -5.60 12.87 -2.70
CA ALA B 330 -5.50 11.63 -3.45
C ALA B 330 -6.68 10.74 -3.04
N ASN B 331 -7.32 10.12 -4.02
CA ASN B 331 -8.42 9.19 -3.74
C ASN B 331 -7.92 7.77 -3.45
N GLU B 332 -8.75 6.92 -2.83
CA GLU B 332 -8.32 5.57 -2.46
C GLU B 332 -7.88 4.76 -3.69
N GLU B 333 -8.56 4.98 -4.81
CA GLU B 333 -8.32 4.24 -6.04
C GLU B 333 -6.89 4.46 -6.57
N GLU B 334 -6.42 5.70 -6.44
CA GLU B 334 -5.11 6.09 -6.93
C GLU B 334 -4.02 5.62 -6.02
N LYS B 335 -4.29 5.69 -4.73
CA LYS B 335 -3.35 5.21 -3.72
C LYS B 335 -3.06 3.73 -3.91
N LYS B 336 -4.13 2.97 -4.10
CA LYS B 336 -4.04 1.52 -4.30
C LYS B 336 -3.31 1.22 -5.59
N ALA B 337 -3.68 1.92 -6.67
CA ALA B 337 -2.96 1.79 -7.92
C ALA B 337 -1.47 2.08 -7.75
N ALA B 338 -1.12 3.13 -7.01
CA ALA B 338 0.29 3.48 -6.76
C ALA B 338 1.00 2.45 -5.94
N ALA B 339 0.27 1.81 -5.03
CA ALA B 339 0.85 0.80 -4.17
C ALA B 339 1.28 -0.40 -5.01
N THR B 340 0.43 -0.76 -5.96
CA THR B 340 0.72 -1.84 -6.90
C THR B 340 1.90 -1.47 -7.78
N THR B 341 1.89 -0.26 -8.33
CA THR B 341 3.03 0.16 -9.16
C THR B 341 4.31 0.13 -8.37
N ALA B 342 4.27 0.55 -7.11
CA ALA B 342 5.45 0.57 -6.25
C ALA B 342 6.01 -0.82 -6.00
N GLN B 343 5.11 -1.75 -5.71
CA GLN B 343 5.48 -3.15 -5.51
C GLN B 343 5.88 -3.85 -6.81
N GLU B 344 5.17 -3.56 -7.91
CA GLU B 344 5.57 -3.96 -9.28
C GLU B 344 6.91 -3.36 -9.73
N TYR B 345 6.99 -2.03 -9.67
CA TYR B 345 8.20 -1.25 -9.95
C TYR B 345 9.46 -1.83 -9.29
N LEU B 346 9.41 -2.05 -7.97
CA LEU B 346 10.51 -2.66 -7.19
C LEU B 346 11.00 -4.03 -7.69
N LYS B 347 10.20 -4.67 -8.55
CA LYS B 347 10.62 -5.90 -9.26
C LYS B 347 11.38 -5.51 -10.50
N THR B 348 10.65 -5.00 -11.51
CA THR B 348 11.24 -4.71 -12.83
C THR B 348 12.51 -3.84 -12.84
N HIS B 349 12.42 -2.59 -12.34
CA HIS B 349 13.57 -1.67 -12.41
C HIS B 349 14.07 -1.06 -11.08
N PRO B 350 15.37 -1.26 -10.77
CA PRO B 350 16.33 -2.16 -11.44
C PRO B 350 16.34 -3.58 -10.85
N SER B 351 16.57 -4.59 -11.70
CA SER B 351 16.73 -5.97 -11.23
C SER B 351 18.03 -6.14 -10.44
N GLY B 352 18.04 -7.12 -9.53
CA GLY B 352 19.18 -7.31 -8.62
C GLY B 352 19.09 -6.37 -7.44
N ARG B 353 17.87 -6.12 -7.00
CA ARG B 353 17.62 -5.11 -6.00
C ARG B 353 17.03 -5.75 -4.75
N ASP B 354 17.72 -5.51 -3.63
CA ASP B 354 17.29 -5.93 -2.29
C ASP B 354 15.75 -6.02 -2.15
N PRO B 355 15.21 -7.25 -2.02
CA PRO B 355 13.75 -7.45 -1.88
C PRO B 355 13.18 -6.87 -0.57
N GLU B 356 14.05 -6.61 0.40
CA GLU B 356 13.65 -5.93 1.64
C GLU B 356 13.87 -4.40 1.60
N THR B 357 13.60 -3.79 0.45
CA THR B 357 13.59 -2.33 0.33
C THR B 357 12.25 -1.79 0.88
N PRO B 358 12.31 -1.09 2.03
CA PRO B 358 11.08 -0.59 2.63
C PRO B 358 10.40 0.53 1.83
N ILE B 359 9.08 0.56 1.91
CA ILE B 359 8.27 1.65 1.38
C ILE B 359 7.81 2.46 2.59
N ILE B 360 8.17 3.74 2.59
CA ILE B 360 7.90 4.64 3.72
C ILE B 360 6.81 5.63 3.36
N VAL B 361 5.69 5.55 4.08
CA VAL B 361 4.56 6.43 3.89
C VAL B 361 4.84 7.85 4.38
N VAL B 362 4.57 8.81 3.51
CA VAL B 362 4.79 10.21 3.83
C VAL B 362 3.50 10.91 3.47
N LYS B 363 2.95 11.67 4.39
CA LYS B 363 1.73 12.40 4.04
C LYS B 363 2.06 13.84 3.73
N GLN B 364 1.40 14.39 2.75
CA GLN B 364 1.61 15.78 2.38
C GLN B 364 1.56 16.71 3.60
N GLY B 365 2.55 17.58 3.70
CA GLY B 365 2.59 18.58 4.75
C GLY B 365 3.11 18.03 6.05
N HIS B 366 3.46 16.75 6.09
CA HIS B 366 4.04 16.10 7.25
C HIS B 366 5.35 15.41 6.87
N GLU B 367 6.04 15.94 5.87
CA GLU B 367 7.22 15.27 5.31
C GLU B 367 8.38 15.34 6.29
N PRO B 368 9.04 14.20 6.58
CA PRO B 368 10.24 14.22 7.41
C PRO B 368 11.42 14.74 6.63
N PRO B 369 12.46 15.22 7.34
CA PRO B 369 13.73 15.69 6.77
C PRO B 369 14.46 14.66 5.88
N THR B 370 14.35 13.35 6.20
CA THR B 370 14.90 12.32 5.31
C THR B 370 14.28 12.37 3.90
N PHE B 371 13.03 12.87 3.81
CA PHE B 371 12.33 13.10 2.51
C PHE B 371 12.72 14.43 1.86
N THR B 372 12.54 15.52 2.61
CA THR B 372 12.71 16.85 2.03
C THR B 372 14.16 17.08 1.63
N GLY B 373 15.08 16.40 2.32
CA GLY B 373 16.52 16.54 2.09
C GLY B 373 16.94 16.16 0.68
N TRP B 374 16.09 15.41 -0.03
CA TRP B 374 16.39 15.01 -1.40
C TRP B 374 16.06 16.03 -2.46
N PHE B 375 15.35 17.08 -2.05
CA PHE B 375 14.99 18.16 -2.96
C PHE B 375 16.06 19.27 -2.90
N LEU B 376 16.39 19.86 -4.05
CA LEU B 376 17.32 21.01 -4.10
C LEU B 376 16.85 22.12 -3.16
N ALA B 377 15.56 22.46 -3.27
CA ALA B 377 14.89 23.48 -2.44
C ALA B 377 13.56 22.96 -1.88
N TRP B 378 13.34 23.20 -0.59
CA TRP B 378 12.05 22.91 0.01
C TRP B 378 11.43 24.14 0.68
N ASP B 379 10.25 24.52 0.23
CA ASP B 379 9.49 25.59 0.89
C ASP B 379 8.43 25.00 1.85
N PRO B 380 8.67 25.14 3.17
CA PRO B 380 7.82 24.57 4.18
C PRO B 380 6.45 25.23 4.25
N PHE B 381 6.26 26.38 3.59
CA PHE B 381 4.96 27.08 3.52
C PHE B 381 4.18 26.80 2.24
N LYS B 382 4.68 25.90 1.39
CA LYS B 382 3.94 25.56 0.20
C LYS B 382 2.66 24.85 0.66
N TRP B 383 1.54 25.14 0.01
CA TRP B 383 0.25 24.50 0.31
C TRP B 383 -0.37 25.09 1.59
#